data_1QPF
#
_entry.id   1QPF
#
_cell.length_a   74.260
_cell.length_b   74.260
_cell.length_c   236.450
_cell.angle_alpha   90.00
_cell.angle_beta   90.00
_cell.angle_gamma   120.00
#
_symmetry.space_group_name_H-M   'P 61 2 2'
#
loop_
_entity.id
_entity.type
_entity.pdbx_description
1 polymer 'PROTEIN (FK506-BINDING PROTEIN)'
2 non-polymer C32-O-(1-ETHYL-INDOL-5-YL)ASCOMYCIN
3 non-polymer 'heptyl beta-D-glucopyranoside'
4 water water
#
_entity_poly.entity_id   1
_entity_poly.type   'polypeptide(L)'
_entity_poly.pdbx_seq_one_letter_code
;GVQVETISPGDGRTFPKRGQTCVVHYTGMLEDGKKFDSSRDRNKPFKFMLGKQEVIRGWEEGVAQMSVGQRAKLTISPDY
AYGATGHPGIIPPHATLVFDVELLKLE
;
_entity_poly.pdbx_strand_id   A,D
#
# COMPACT_ATOMS: atom_id res chain seq x y z
N GLY A 1 -4.31 7.99 -7.24
CA GLY A 1 -2.98 8.05 -6.57
C GLY A 1 -2.24 6.74 -6.72
N VAL A 2 -1.36 6.45 -5.77
CA VAL A 2 -0.58 5.22 -5.79
C VAL A 2 -0.98 4.32 -4.63
N GLN A 3 -1.12 3.03 -4.91
CA GLN A 3 -1.50 2.07 -3.87
C GLN A 3 -0.41 1.00 -3.78
N VAL A 4 0.06 0.75 -2.55
CA VAL A 4 1.10 -0.22 -2.31
C VAL A 4 0.53 -1.49 -1.69
N GLU A 5 0.93 -2.64 -2.22
CA GLU A 5 0.51 -3.93 -1.70
C GLU A 5 1.79 -4.74 -1.55
N THR A 6 2.25 -4.87 -0.31
CA THR A 6 3.48 -5.59 -0.03
C THR A 6 3.37 -7.10 -0.27
N ILE A 7 4.27 -7.61 -1.09
CA ILE A 7 4.33 -9.03 -1.40
C ILE A 7 5.25 -9.65 -0.35
N SER A 8 6.46 -9.09 -0.25
CA SER A 8 7.45 -9.55 0.71
C SER A 8 8.01 -8.34 1.47
N PRO A 9 8.11 -8.45 2.81
CA PRO A 9 8.61 -7.41 3.71
C PRO A 9 10.06 -7.03 3.51
N GLY A 10 10.39 -5.81 3.90
CA GLY A 10 11.74 -5.30 3.81
C GLY A 10 12.30 -5.25 5.21
N ASP A 11 13.47 -4.65 5.38
CA ASP A 11 14.06 -4.57 6.72
C ASP A 11 13.23 -3.68 7.66
N GLY A 12 12.37 -2.85 7.07
CA GLY A 12 11.53 -1.95 7.84
C GLY A 12 12.29 -0.85 8.55
N ARG A 13 13.56 -0.66 8.18
CA ARG A 13 14.40 0.37 8.78
C ARG A 13 15.04 1.33 7.77
N THR A 14 15.68 0.79 6.74
CA THR A 14 16.33 1.62 5.73
C THR A 14 15.37 2.08 4.64
N PHE A 15 15.09 3.39 4.64
CA PHE A 15 14.19 3.98 3.66
C PHE A 15 14.99 4.99 2.86
N PRO A 16 14.69 5.09 1.55
CA PRO A 16 15.43 6.04 0.71
C PRO A 16 15.14 7.49 1.06
N LYS A 17 16.20 8.27 1.25
CA LYS A 17 16.07 9.70 1.56
C LYS A 17 16.11 10.41 0.21
N ARG A 18 15.47 11.57 0.11
CA ARG A 18 15.47 12.29 -1.15
C ARG A 18 16.89 12.71 -1.50
N GLY A 19 17.43 12.09 -2.53
CA GLY A 19 18.79 12.38 -2.98
C GLY A 19 19.60 11.11 -3.19
N GLN A 20 19.02 9.96 -2.86
CA GLN A 20 19.70 8.68 -3.03
C GLN A 20 19.27 7.95 -4.29
N THR A 21 20.10 7.01 -4.73
CA THR A 21 19.82 6.22 -5.92
C THR A 21 19.17 4.91 -5.49
N CYS A 22 18.01 4.61 -6.07
CA CYS A 22 17.31 3.37 -5.76
C CYS A 22 17.58 2.36 -6.86
N VAL A 23 17.99 1.16 -6.46
CA VAL A 23 18.25 0.08 -7.40
C VAL A 23 17.06 -0.84 -7.28
N VAL A 24 16.30 -1.01 -8.35
CA VAL A 24 15.11 -1.84 -8.32
C VAL A 24 15.05 -2.88 -9.43
N HIS A 25 14.09 -3.80 -9.28
CA HIS A 25 13.83 -4.84 -10.27
C HIS A 25 12.33 -4.75 -10.43
N TYR A 26 11.87 -4.27 -11.58
CA TYR A 26 10.44 -4.11 -11.81
C TYR A 26 9.89 -4.89 -12.98
N THR A 27 8.57 -4.97 -13.03
CA THR A 27 7.84 -5.62 -14.09
C THR A 27 6.61 -4.73 -14.27
N GLY A 28 6.54 -4.05 -15.41
CA GLY A 28 5.44 -3.15 -15.68
C GLY A 28 4.29 -3.89 -16.32
N MET A 29 3.11 -3.77 -15.72
CA MET A 29 1.91 -4.44 -16.21
C MET A 29 0.76 -3.45 -16.37
N LEU A 30 -0.20 -3.83 -17.19
CA LEU A 30 -1.38 -3.01 -17.41
C LEU A 30 -2.49 -3.56 -16.53
N GLU A 31 -3.52 -2.77 -16.34
CA GLU A 31 -4.69 -3.11 -15.53
C GLU A 31 -5.17 -4.55 -15.71
N ASP A 32 -5.04 -5.08 -16.93
CA ASP A 32 -5.46 -6.44 -17.23
C ASP A 32 -4.36 -7.51 -17.23
N GLY A 33 -3.35 -7.32 -16.37
CA GLY A 33 -2.28 -8.30 -16.28
C GLY A 33 -1.24 -8.33 -17.40
N LYS A 34 -1.58 -7.78 -18.56
CA LYS A 34 -0.66 -7.75 -19.70
C LYS A 34 0.61 -6.98 -19.36
N LYS A 35 1.75 -7.65 -19.48
CA LYS A 35 3.05 -7.04 -19.18
C LYS A 35 3.56 -6.26 -20.39
N PHE A 36 4.08 -5.06 -20.15
CA PHE A 36 4.63 -4.25 -21.24
C PHE A 36 6.14 -4.03 -21.17
N ASP A 37 6.75 -4.40 -20.05
CA ASP A 37 8.19 -4.24 -19.85
C ASP A 37 8.61 -4.92 -18.55
N SER A 38 9.88 -5.32 -18.46
CA SER A 38 10.39 -5.95 -17.27
C SER A 38 11.92 -5.86 -17.24
N SER A 39 12.47 -5.33 -16.16
CA SER A 39 13.92 -5.23 -16.02
C SER A 39 14.44 -6.64 -15.79
N ARG A 40 13.58 -7.50 -15.24
CA ARG A 40 13.95 -8.88 -14.96
C ARG A 40 14.28 -9.63 -16.25
N ASP A 41 13.44 -9.52 -17.26
CA ASP A 41 13.68 -10.20 -18.54
C ASP A 41 15.07 -9.93 -19.09
N ARG A 42 15.50 -8.67 -19.05
CA ARG A 42 16.83 -8.30 -19.52
C ARG A 42 17.87 -8.34 -18.41
N ASN A 43 17.45 -8.78 -17.24
CA ASN A 43 18.32 -8.90 -16.05
C ASN A 43 19.20 -7.67 -15.81
N LYS A 44 18.60 -6.50 -15.95
CA LYS A 44 19.30 -5.25 -15.73
C LYS A 44 18.55 -4.43 -14.69
N PRO A 45 19.10 -4.33 -13.47
CA PRO A 45 18.48 -3.55 -12.40
C PRO A 45 18.39 -2.10 -12.82
N PHE A 46 17.23 -1.50 -12.58
CA PHE A 46 16.99 -0.11 -12.94
C PHE A 46 17.43 0.79 -11.80
N LYS A 47 17.93 1.97 -12.13
CA LYS A 47 18.39 2.92 -11.13
C LYS A 47 17.89 4.31 -11.47
N PHE A 48 17.40 5.01 -10.45
CA PHE A 48 16.90 6.37 -10.59
C PHE A 48 17.18 7.10 -9.29
N MET A 49 17.36 8.41 -9.38
CA MET A 49 17.65 9.21 -8.19
C MET A 49 16.35 9.78 -7.64
N LEU A 50 16.03 9.41 -6.40
CA LEU A 50 14.81 9.89 -5.76
C LEU A 50 14.93 11.38 -5.53
N GLY A 51 13.96 12.14 -6.01
CA GLY A 51 13.99 13.59 -5.85
C GLY A 51 13.90 14.28 -7.20
N LYS A 52 14.83 13.96 -8.09
CA LYS A 52 14.86 14.53 -9.43
C LYS A 52 13.64 13.93 -10.11
N GLN A 53 12.78 14.77 -10.69
CA GLN A 53 11.58 14.28 -11.34
C GLN A 53 11.92 13.56 -12.66
N GLU A 54 12.60 12.43 -12.56
CA GLU A 54 13.00 11.64 -13.71
C GLU A 54 11.88 10.66 -14.05
N VAL A 55 11.43 9.92 -13.04
CA VAL A 55 10.37 8.93 -13.19
C VAL A 55 8.96 9.49 -12.96
N ILE A 56 7.96 8.67 -13.21
CA ILE A 56 6.56 9.08 -13.01
C ILE A 56 6.29 9.31 -11.53
N ARG A 57 5.37 10.23 -11.25
CA ARG A 57 5.01 10.61 -9.88
C ARG A 57 4.68 9.43 -8.97
N GLY A 58 3.97 8.44 -9.51
CA GLY A 58 3.62 7.26 -8.72
C GLY A 58 4.82 6.56 -8.14
N TRP A 59 5.89 6.48 -8.92
CA TRP A 59 7.14 5.84 -8.48
C TRP A 59 7.83 6.70 -7.41
N GLU A 60 7.84 8.01 -7.61
CA GLU A 60 8.46 8.93 -6.65
C GLU A 60 7.86 8.70 -5.28
N GLU A 61 6.53 8.73 -5.21
CA GLU A 61 5.79 8.54 -3.97
C GLU A 61 5.70 7.08 -3.49
N GLY A 62 5.62 6.15 -4.44
CA GLY A 62 5.52 4.74 -4.12
C GLY A 62 6.78 4.12 -3.52
N VAL A 63 7.90 4.28 -4.22
CA VAL A 63 9.17 3.73 -3.76
C VAL A 63 9.65 4.42 -2.49
N ALA A 64 9.31 5.69 -2.35
CA ALA A 64 9.70 6.46 -1.16
C ALA A 64 9.24 5.78 0.14
N GLN A 65 8.15 5.03 0.05
CA GLN A 65 7.61 4.35 1.21
C GLN A 65 7.92 2.86 1.25
N MET A 66 9.05 2.48 0.68
CA MET A 66 9.49 1.09 0.66
C MET A 66 10.84 0.99 1.36
N SER A 67 11.11 -0.15 1.97
CA SER A 67 12.38 -0.37 2.65
C SER A 67 13.17 -1.43 1.90
N VAL A 68 14.50 -1.38 2.00
CA VAL A 68 15.38 -2.32 1.31
C VAL A 68 15.02 -3.79 1.54
N GLY A 69 14.80 -4.50 0.44
CA GLY A 69 14.43 -5.90 0.50
C GLY A 69 12.96 -6.11 0.23
N GLN A 70 12.18 -5.03 0.33
CA GLN A 70 10.73 -5.11 0.12
C GLN A 70 10.35 -5.28 -1.34
N ARG A 71 9.35 -6.12 -1.57
CA ARG A 71 8.82 -6.38 -2.89
C ARG A 71 7.34 -6.01 -2.81
N ALA A 72 6.94 -4.95 -3.51
CA ALA A 72 5.55 -4.50 -3.49
C ALA A 72 4.93 -4.30 -4.86
N LYS A 73 3.61 -4.12 -4.89
CA LYS A 73 2.90 -3.87 -6.12
C LYS A 73 2.32 -2.46 -6.08
N LEU A 74 2.80 -1.61 -6.98
CA LEU A 74 2.36 -0.23 -7.08
C LEU A 74 1.24 -0.06 -8.12
N THR A 75 0.07 0.34 -7.67
CA THR A 75 -1.06 0.57 -8.57
C THR A 75 -1.20 2.07 -8.74
N ILE A 76 -0.75 2.56 -9.88
CA ILE A 76 -0.76 3.98 -10.20
C ILE A 76 -1.95 4.42 -11.06
N SER A 77 -2.62 5.49 -10.64
CA SER A 77 -3.75 6.01 -11.41
C SER A 77 -3.15 6.84 -12.54
N PRO A 78 -3.92 7.05 -13.63
CA PRO A 78 -3.47 7.82 -14.79
C PRO A 78 -2.75 9.12 -14.48
N ASP A 79 -3.32 9.93 -13.59
CA ASP A 79 -2.76 11.23 -13.20
C ASP A 79 -1.38 11.18 -12.54
N TYR A 80 -0.92 9.98 -12.18
CA TYR A 80 0.38 9.81 -11.54
C TYR A 80 1.35 9.08 -12.48
N ALA A 81 0.87 8.75 -13.68
CA ALA A 81 1.68 8.06 -14.67
C ALA A 81 1.78 8.87 -15.95
N TYR A 82 1.16 8.40 -17.03
CA TYR A 82 1.21 9.10 -18.30
C TYR A 82 -0.02 9.95 -18.65
N GLY A 83 -1.01 9.92 -17.76
CA GLY A 83 -2.20 10.72 -17.96
C GLY A 83 -3.11 10.47 -19.14
N ALA A 84 -3.63 11.58 -19.68
CA ALA A 84 -4.56 11.53 -20.80
C ALA A 84 -3.98 11.06 -22.12
N THR A 85 -2.93 11.73 -22.59
CA THR A 85 -2.29 11.40 -23.86
C THR A 85 -1.78 9.97 -23.91
N GLY A 86 -2.44 9.15 -24.72
CA GLY A 86 -2.02 7.78 -24.85
C GLY A 86 -0.92 7.67 -25.88
N HIS A 87 -0.18 6.57 -25.85
CA HIS A 87 0.91 6.34 -26.77
C HIS A 87 0.68 4.98 -27.43
N PRO A 88 -0.16 4.96 -28.47
CA PRO A 88 -0.55 3.78 -29.26
C PRO A 88 0.53 2.72 -29.40
N GLY A 89 0.16 1.49 -29.04
CA GLY A 89 1.10 0.38 -29.13
C GLY A 89 1.69 -0.07 -27.81
N ILE A 90 1.84 0.85 -26.87
CA ILE A 90 2.42 0.50 -25.57
C ILE A 90 1.50 0.81 -24.40
N ILE A 91 1.14 2.09 -24.25
CA ILE A 91 0.29 2.55 -23.15
C ILE A 91 -0.86 3.39 -23.68
N PRO A 92 -2.12 2.93 -23.49
CA PRO A 92 -3.34 3.62 -23.94
C PRO A 92 -3.64 4.88 -23.13
N PRO A 93 -4.58 5.72 -23.60
CA PRO A 93 -4.91 6.95 -22.87
C PRO A 93 -5.58 6.68 -21.53
N HIS A 94 -5.27 7.51 -20.53
CA HIS A 94 -5.84 7.38 -19.18
C HIS A 94 -5.75 5.96 -18.62
N ALA A 95 -4.55 5.39 -18.58
CA ALA A 95 -4.37 4.04 -18.09
C ALA A 95 -3.83 3.93 -16.68
N THR A 96 -4.31 2.92 -15.96
CA THR A 96 -3.86 2.63 -14.61
C THR A 96 -2.80 1.55 -14.77
N LEU A 97 -1.60 1.81 -14.25
CA LEU A 97 -0.49 0.87 -14.37
C LEU A 97 -0.21 0.13 -13.07
N VAL A 98 0.32 -1.07 -13.20
CA VAL A 98 0.65 -1.90 -12.03
C VAL A 98 2.11 -2.30 -12.15
N PHE A 99 2.92 -1.93 -11.18
CA PHE A 99 4.34 -2.25 -11.19
C PHE A 99 4.74 -3.18 -10.04
N ASP A 100 5.30 -4.32 -10.39
CA ASP A 100 5.78 -5.27 -9.41
C ASP A 100 7.20 -4.73 -9.22
N VAL A 101 7.52 -4.24 -8.02
CA VAL A 101 8.83 -3.65 -7.75
C VAL A 101 9.53 -4.25 -6.54
N GLU A 102 10.83 -4.54 -6.66
CA GLU A 102 11.63 -5.07 -5.56
C GLU A 102 12.81 -4.11 -5.34
N LEU A 103 12.93 -3.58 -4.13
CA LEU A 103 14.02 -2.65 -3.80
C LEU A 103 15.26 -3.44 -3.39
N LEU A 104 16.26 -3.44 -4.25
CA LEU A 104 17.49 -4.18 -4.01
C LEU A 104 18.44 -3.50 -3.03
N LYS A 105 18.78 -2.24 -3.29
CA LYS A 105 19.69 -1.51 -2.41
C LYS A 105 19.69 -0.01 -2.69
N LEU A 106 20.50 0.72 -1.92
CA LEU A 106 20.61 2.16 -2.07
C LEU A 106 22.05 2.56 -2.28
N GLU A 107 22.26 3.54 -3.15
CA GLU A 107 23.61 4.06 -3.48
C GLU A 107 23.58 5.58 -3.47
N GLY B 1 -5.60 -9.21 -1.81
CA GLY B 1 -4.87 -8.85 -0.55
C GLY B 1 -5.34 -7.52 0.01
N VAL B 2 -4.41 -6.73 0.52
CA VAL B 2 -4.73 -5.43 1.09
C VAL B 2 -3.91 -4.34 0.40
N GLN B 3 -4.59 -3.28 -0.01
CA GLN B 3 -3.97 -2.15 -0.69
C GLN B 3 -3.86 -1.02 0.33
N VAL B 4 -2.68 -0.44 0.46
CA VAL B 4 -2.44 0.65 1.40
C VAL B 4 -2.13 1.97 0.70
N GLU B 5 -2.96 2.98 0.95
CA GLU B 5 -2.75 4.30 0.34
C GLU B 5 -2.64 5.36 1.44
N THR B 6 -1.51 6.06 1.48
CA THR B 6 -1.27 7.09 2.48
C THR B 6 -2.08 8.35 2.23
N ILE B 7 -2.72 8.84 3.28
CA ILE B 7 -3.55 10.04 3.21
C ILE B 7 -2.76 11.17 3.87
N SER B 8 -2.11 10.85 4.98
CA SER B 8 -1.31 11.80 5.73
C SER B 8 -0.15 11.00 6.33
N PRO B 9 1.08 11.52 6.21
CA PRO B 9 2.28 10.87 6.72
C PRO B 9 2.39 10.75 8.23
N GLY B 10 3.15 9.76 8.66
CA GLY B 10 3.39 9.55 10.08
C GLY B 10 4.81 10.01 10.36
N ASP B 11 5.52 9.36 11.29
CA ASP B 11 6.89 9.77 11.55
C ASP B 11 7.87 9.10 10.58
N GLY B 12 7.40 8.05 9.92
CA GLY B 12 8.21 7.34 8.94
C GLY B 12 9.35 6.51 9.51
N ARG B 13 9.38 6.33 10.83
CA ARG B 13 10.44 5.55 11.48
C ARG B 13 9.95 4.50 12.47
N THR B 14 8.94 4.84 13.28
CA THR B 14 8.40 3.91 14.27
C THR B 14 7.24 3.10 13.68
N PHE B 15 7.49 1.82 13.39
CA PHE B 15 6.50 0.93 12.83
C PHE B 15 6.11 -0.14 13.85
N PRO B 16 4.93 -0.76 13.66
CA PRO B 16 4.45 -1.80 14.58
C PRO B 16 5.34 -3.05 14.54
N LYS B 17 5.72 -3.54 15.72
CA LYS B 17 6.56 -4.73 15.80
C LYS B 17 5.73 -5.83 16.47
N ARG B 18 6.08 -7.08 16.17
CA ARG B 18 5.37 -8.22 16.74
C ARG B 18 5.39 -8.15 18.25
N GLY B 19 4.22 -8.25 18.87
CA GLY B 19 4.15 -8.19 20.33
C GLY B 19 3.67 -6.85 20.88
N GLN B 20 3.76 -5.81 20.07
CA GLN B 20 3.32 -4.48 20.49
C GLN B 20 1.81 -4.37 20.33
N THR B 21 1.22 -3.43 21.06
CA THR B 21 -0.20 -3.21 20.97
C THR B 21 -0.40 -1.95 20.12
N CYS B 22 -1.29 -2.03 19.13
CA CYS B 22 -1.56 -0.91 18.24
C CYS B 22 -2.86 -0.21 18.61
N VAL B 23 -2.76 1.07 18.93
CA VAL B 23 -3.91 1.89 19.27
C VAL B 23 -4.22 2.65 18.01
N VAL B 24 -5.38 2.42 17.43
CA VAL B 24 -5.73 3.10 16.19
C VAL B 24 -7.13 3.68 16.20
N HIS B 25 -7.41 4.51 15.20
CA HIS B 25 -8.73 5.09 15.01
C HIS B 25 -9.10 4.63 13.62
N TYR B 26 -10.35 4.24 13.43
CA TYR B 26 -10.78 3.76 12.12
C TYR B 26 -12.20 4.11 11.79
N THR B 27 -12.54 3.85 10.54
CA THR B 27 -13.87 4.08 10.01
C THR B 27 -13.98 3.02 8.93
N GLY B 28 -14.88 2.07 9.14
CA GLY B 28 -15.08 1.00 8.18
C GLY B 28 -16.18 1.34 7.19
N MET B 29 -15.87 1.21 5.91
CA MET B 29 -16.83 1.51 4.86
C MET B 29 -16.87 0.39 3.84
N LEU B 30 -17.99 0.27 3.14
CA LEU B 30 -18.14 -0.74 2.10
C LEU B 30 -17.59 -0.16 0.80
N GLU B 31 -17.42 -1.01 -0.21
CA GLU B 31 -16.89 -0.59 -1.49
C GLU B 31 -17.62 0.63 -2.07
N ASP B 32 -18.88 0.81 -1.71
CA ASP B 32 -19.67 1.94 -2.20
C ASP B 32 -19.91 3.09 -1.22
N GLY B 33 -18.97 3.32 -0.30
CA GLY B 33 -19.10 4.41 0.66
C GLY B 33 -19.90 4.19 1.93
N LYS B 34 -20.89 3.30 1.88
CA LYS B 34 -21.72 3.01 3.04
C LYS B 34 -20.89 2.72 4.29
N LYS B 35 -20.85 3.67 5.21
CA LYS B 35 -20.11 3.53 6.46
C LYS B 35 -20.85 2.55 7.37
N PHE B 36 -20.15 1.53 7.85
CA PHE B 36 -20.76 0.54 8.73
C PHE B 36 -20.34 0.61 10.20
N ASP B 37 -19.20 1.23 10.47
CA ASP B 37 -18.69 1.34 11.84
C ASP B 37 -17.60 2.41 11.91
N SER B 38 -17.39 2.97 13.09
CA SER B 38 -16.37 4.01 13.30
C SER B 38 -16.04 4.12 14.77
N SER B 39 -14.75 4.10 15.10
CA SER B 39 -14.34 4.22 16.49
C SER B 39 -14.37 5.71 16.87
N ARG B 40 -14.27 6.56 15.84
CA ARG B 40 -14.27 8.00 16.05
C ARG B 40 -15.60 8.47 16.63
N ASP B 41 -16.69 7.85 16.18
CA ASP B 41 -18.03 8.20 16.67
C ASP B 41 -18.22 7.89 18.15
N ARG B 42 -17.56 6.84 18.65
CA ARG B 42 -17.70 6.49 20.06
C ARG B 42 -16.61 7.06 20.96
N ASN B 43 -15.70 7.83 20.38
CA ASN B 43 -14.61 8.48 21.12
C ASN B 43 -13.68 7.54 21.89
N LYS B 44 -13.60 6.29 21.45
CA LYS B 44 -12.74 5.31 22.12
C LYS B 44 -11.90 4.55 21.09
N PRO B 45 -10.57 4.70 21.15
CA PRO B 45 -9.64 4.02 20.24
C PRO B 45 -9.76 2.52 20.34
N PHE B 46 -9.32 1.83 19.29
CA PHE B 46 -9.36 0.39 19.24
C PHE B 46 -7.93 -0.10 19.45
N LYS B 47 -7.79 -1.25 20.11
CA LYS B 47 -6.48 -1.81 20.38
C LYS B 47 -6.44 -3.30 20.03
N PHE B 48 -5.27 -3.74 19.59
CA PHE B 48 -5.05 -5.15 19.24
C PHE B 48 -3.55 -5.39 19.20
N MET B 49 -3.13 -6.60 19.52
CA MET B 49 -1.72 -6.95 19.50
C MET B 49 -1.37 -7.46 18.11
N LEU B 50 -0.20 -7.07 17.60
CA LEU B 50 0.26 -7.52 16.29
C LEU B 50 0.87 -8.91 16.44
N GLY B 51 0.57 -9.80 15.50
CA GLY B 51 1.11 -11.15 15.55
C GLY B 51 0.38 -12.13 16.45
N LYS B 52 -0.81 -11.75 16.90
CA LYS B 52 -1.61 -12.61 17.77
C LYS B 52 -2.95 -13.04 17.15
N GLN B 53 -3.11 -12.76 15.85
CA GLN B 53 -4.32 -13.09 15.10
C GLN B 53 -5.65 -12.68 15.75
N GLU B 54 -5.72 -11.42 16.17
CA GLU B 54 -6.91 -10.88 16.81
C GLU B 54 -7.83 -10.21 15.80
N VAL B 55 -7.23 -9.55 14.81
CA VAL B 55 -7.97 -8.84 13.77
C VAL B 55 -7.92 -9.57 12.44
N ILE B 56 -8.78 -9.17 11.51
CA ILE B 56 -8.81 -9.78 10.19
C ILE B 56 -7.46 -9.56 9.51
N ARG B 57 -7.10 -10.47 8.61
CA ARG B 57 -5.82 -10.43 7.90
C ARG B 57 -5.45 -9.09 7.29
N GLY B 58 -6.39 -8.45 6.60
CA GLY B 58 -6.14 -7.17 5.98
C GLY B 58 -5.57 -6.17 6.97
N TRP B 59 -6.03 -6.25 8.22
CA TRP B 59 -5.57 -5.37 9.27
C TRP B 59 -4.17 -5.73 9.74
N GLU B 60 -3.91 -7.02 9.95
CA GLU B 60 -2.60 -7.50 10.39
C GLU B 60 -1.45 -7.04 9.49
N GLU B 61 -1.62 -7.20 8.18
CA GLU B 61 -0.59 -6.81 7.23
C GLU B 61 -0.65 -5.34 6.83
N GLY B 62 -1.87 -4.81 6.80
CA GLY B 62 -2.08 -3.42 6.42
C GLY B 62 -1.54 -2.40 7.41
N VAL B 63 -1.81 -2.62 8.69
CA VAL B 63 -1.36 -1.69 9.72
C VAL B 63 0.13 -1.83 10.03
N ALA B 64 0.70 -3.00 9.70
CA ALA B 64 2.12 -3.25 9.94
C ALA B 64 3.04 -2.43 9.04
N GLN B 65 2.46 -1.79 8.02
CA GLN B 65 3.23 -0.97 7.08
C GLN B 65 3.18 0.51 7.45
N MET B 66 2.27 0.86 8.34
CA MET B 66 2.09 2.24 8.76
C MET B 66 3.01 2.63 9.91
N SER B 67 3.32 3.92 10.02
CA SER B 67 4.17 4.41 11.11
C SER B 67 3.28 5.26 12.03
N VAL B 68 3.74 5.48 13.26
CA VAL B 68 2.97 6.27 14.23
C VAL B 68 2.53 7.64 13.66
N GLY B 69 1.25 7.93 13.81
CA GLY B 69 0.69 9.20 13.34
C GLY B 69 0.14 9.17 11.92
N GLN B 70 0.51 8.15 11.15
CA GLN B 70 0.07 8.02 9.76
C GLN B 70 -1.40 7.67 9.62
N ARG B 71 -2.06 8.31 8.67
CA ARG B 71 -3.46 8.07 8.37
C ARG B 71 -3.44 7.41 6.98
N ALA B 72 -4.04 6.24 6.87
CA ALA B 72 -4.06 5.53 5.60
C ALA B 72 -5.40 4.87 5.29
N LYS B 73 -5.63 4.62 4.00
CA LYS B 73 -6.85 3.99 3.54
C LYS B 73 -6.50 2.56 3.14
N LEU B 74 -7.10 1.60 3.82
CA LEU B 74 -6.87 0.18 3.53
C LEU B 74 -8.01 -0.41 2.74
N THR B 75 -7.72 -0.92 1.55
CA THR B 75 -8.71 -1.57 0.72
C THR B 75 -8.42 -3.06 0.89
N ILE B 76 -9.39 -3.77 1.46
CA ILE B 76 -9.24 -5.20 1.75
C ILE B 76 -10.25 -6.06 0.97
N SER B 77 -9.73 -7.07 0.29
CA SER B 77 -10.56 -7.99 -0.48
C SER B 77 -11.22 -9.01 0.45
N PRO B 78 -12.37 -9.58 0.04
CA PRO B 78 -13.11 -10.57 0.84
C PRO B 78 -12.27 -11.66 1.52
N ASP B 79 -11.36 -12.27 0.78
CA ASP B 79 -10.53 -13.34 1.33
C ASP B 79 -9.59 -12.91 2.47
N TYR B 80 -9.35 -11.60 2.58
CA TYR B 80 -8.51 -11.06 3.63
C TYR B 80 -9.38 -10.43 4.70
N ALA B 81 -10.69 -10.68 4.61
CA ALA B 81 -11.64 -10.13 5.56
C ALA B 81 -12.67 -11.16 6.00
N TYR B 82 -13.94 -10.97 5.63
CA TYR B 82 -15.00 -11.88 6.06
C TYR B 82 -15.45 -12.92 5.05
N GLY B 83 -14.79 -12.96 3.90
CA GLY B 83 -15.09 -13.94 2.87
C GLY B 83 -16.50 -14.07 2.35
N ALA B 84 -16.87 -15.31 2.02
CA ALA B 84 -18.18 -15.64 1.47
C ALA B 84 -19.33 -15.64 2.46
N THR B 85 -19.05 -15.94 3.73
CA THR B 85 -20.10 -15.95 4.74
C THR B 85 -20.37 -14.54 5.25
N GLY B 86 -19.34 -13.71 5.24
CA GLY B 86 -19.48 -12.35 5.73
C GLY B 86 -19.65 -12.40 7.24
N HIS B 87 -20.21 -11.34 7.80
CA HIS B 87 -20.42 -11.31 9.25
C HIS B 87 -21.87 -10.93 9.51
N PRO B 88 -22.64 -11.84 10.14
CA PRO B 88 -24.04 -11.75 10.51
C PRO B 88 -24.59 -10.37 10.83
N GLY B 89 -25.52 -9.91 10.01
CA GLY B 89 -26.16 -8.62 10.22
C GLY B 89 -25.36 -7.35 10.09
N ILE B 90 -24.20 -7.38 9.45
CA ILE B 90 -23.41 -6.15 9.29
C ILE B 90 -22.56 -6.14 8.03
N ILE B 91 -21.86 -7.23 7.77
CA ILE B 91 -21.02 -7.31 6.57
C ILE B 91 -21.60 -8.34 5.60
N PRO B 92 -21.93 -7.90 4.38
CA PRO B 92 -22.48 -8.75 3.32
C PRO B 92 -21.45 -9.74 2.79
N PRO B 93 -21.88 -10.76 2.04
CA PRO B 93 -20.98 -11.76 1.48
C PRO B 93 -20.15 -11.17 0.34
N HIS B 94 -18.91 -11.65 0.19
CA HIS B 94 -17.99 -11.18 -0.87
C HIS B 94 -17.82 -9.66 -0.82
N ALA B 95 -17.79 -9.13 0.39
CA ALA B 95 -17.66 -7.69 0.58
C ALA B 95 -16.22 -7.20 0.59
N THR B 96 -15.99 -6.13 -0.16
CA THR B 96 -14.69 -5.50 -0.22
C THR B 96 -14.81 -4.39 0.81
N LEU B 97 -13.85 -4.30 1.73
CA LEU B 97 -13.90 -3.29 2.79
C LEU B 97 -12.83 -2.23 2.63
N VAL B 98 -13.17 -0.99 2.99
CA VAL B 98 -12.24 0.12 2.93
C VAL B 98 -12.23 0.80 4.30
N PHE B 99 -11.08 0.78 4.95
CA PHE B 99 -10.95 1.38 6.28
C PHE B 99 -10.06 2.61 6.27
N ASP B 100 -10.50 3.64 6.98
CA ASP B 100 -9.73 4.87 7.13
C ASP B 100 -9.09 4.64 8.49
N VAL B 101 -7.82 4.25 8.50
CA VAL B 101 -7.13 3.97 9.76
C VAL B 101 -6.02 4.95 10.07
N GLU B 102 -5.88 5.26 11.35
CA GLU B 102 -4.82 6.15 11.79
C GLU B 102 -4.14 5.50 12.97
N LEU B 103 -2.85 5.24 12.84
CA LEU B 103 -2.07 4.64 13.91
C LEU B 103 -1.74 5.72 14.90
N LEU B 104 -2.35 5.64 16.08
CA LEU B 104 -2.16 6.64 17.12
C LEU B 104 -0.93 6.39 17.97
N LYS B 105 -0.79 5.18 18.50
CA LYS B 105 0.34 4.88 19.38
C LYS B 105 0.67 3.40 19.44
N LEU B 106 1.88 3.10 19.89
CA LEU B 106 2.35 1.73 20.07
C LEU B 106 2.74 1.58 21.52
N GLU B 107 2.41 0.43 22.10
CA GLU B 107 2.71 0.14 23.50
C GLU B 107 2.72 -1.39 23.72
#